data_8VD1
#
_entry.id   8VD1
#
_cell.length_a   37.711
_cell.length_b   86.477
_cell.length_c   44.617
_cell.angle_alpha   90.00
_cell.angle_beta   114.94
_cell.angle_gamma   90.00
#
_symmetry.space_group_name_H-M   'P 1 21 1'
#
loop_
_entity.id
_entity.type
_entity.pdbx_description
1 polymer 'Probable esterase D14L'
2 non-polymer (4S)-2-METHYL-2,4-PENTANEDIOL
3 water water
#
_entity_poly.entity_id   1
_entity_poly.type   'polypeptide(L)'
_entity_poly.pdbx_seq_one_letter_code
;SMGIVEEAHNLRVVGEGKRGVIVLAHGFGTDQSVWKHLVPHLVADYRVVLFDTMGAGPTNPDYFDFSRYATLEGYALDLL
AILQELRVASCIYVGHSVSAVIGAIASISRPDLFSKLVLLSASPRYLNDVDYYGGFEQEDLDELFEAMGSNYKAWCSGFA
PLCVGGDMESVAVQEFSRTLFNIRPDIALSVAQTIFQSDVRSLLPLVTVPCHIVQSTKDLAVPVVVSEYLHKHLGGDSIV
EVMPSEGHLPQLSSPDIVIPVLLRHIQHDIAV
;
_entity_poly.pdbx_strand_id   A
#
loop_
_chem_comp.id
_chem_comp.type
_chem_comp.name
_chem_comp.formula
MPD non-polymer (4S)-2-METHYL-2,4-PENTANEDIOL 'C6 H14 O2'
#
# COMPACT_ATOMS: atom_id res chain seq x y z
N SER A 1 25.63 -1.41 5.46
CA SER A 1 24.37 -0.69 5.76
C SER A 1 24.37 0.69 5.11
N MET A 2 23.19 1.13 4.67
CA MET A 2 23.02 2.48 4.11
C MET A 2 22.81 3.48 5.26
N GLY A 3 22.69 2.96 6.46
CA GLY A 3 22.51 3.83 7.64
C GLY A 3 21.10 3.86 8.20
N ILE A 4 20.71 5.02 8.71
CA ILE A 4 19.45 5.04 9.47
C ILE A 4 18.27 4.72 8.56
N VAL A 5 18.27 5.12 7.32
CA VAL A 5 17.13 4.84 6.48
C VAL A 5 16.94 3.33 6.33
N GLU A 6 18.04 2.58 6.19
CA GLU A 6 17.97 1.14 6.13
C GLU A 6 17.54 0.57 7.47
N GLU A 7 18.17 0.99 8.57
CA GLU A 7 17.86 0.41 9.85
C GLU A 7 16.41 0.70 10.22
N ALA A 8 15.95 1.95 10.07
CA ALA A 8 14.62 2.35 10.50
C ALA A 8 13.51 1.61 9.73
N HIS A 9 13.74 1.32 8.45
CA HIS A 9 12.71 0.72 7.60
C HIS A 9 13.00 -0.74 7.29
N ASN A 10 14.01 -1.36 7.91
CA ASN A 10 14.39 -2.72 7.62
C ASN A 10 14.58 -2.89 6.12
N LEU A 11 15.23 -1.95 5.50
CA LEU A 11 15.31 -1.92 4.03
C LEU A 11 16.20 -3.03 3.50
N ARG A 12 15.78 -3.67 2.42
CA ARG A 12 16.57 -4.70 1.75
C ARG A 12 16.53 -4.46 0.26
N VAL A 13 17.65 -4.76 -0.43
CA VAL A 13 17.70 -4.74 -1.87
C VAL A 13 18.14 -6.11 -2.34
N VAL A 14 17.34 -6.73 -3.19
CA VAL A 14 17.65 -8.05 -3.72
C VAL A 14 17.53 -8.01 -5.23
N GLY A 15 18.19 -8.94 -5.87
CA GLY A 15 18.13 -9.07 -7.30
C GLY A 15 19.34 -8.43 -7.94
N GLU A 16 19.64 -8.86 -9.15
CA GLU A 16 20.84 -8.37 -9.80
C GLU A 16 20.55 -7.96 -11.25
N GLY A 17 19.27 -7.95 -11.65
CA GLY A 17 18.95 -7.64 -13.01
C GLY A 17 19.19 -6.18 -13.37
N LYS A 18 19.17 -5.90 -14.66
CA LYS A 18 19.60 -4.63 -15.23
C LYS A 18 18.50 -3.84 -15.93
N ARG A 19 17.26 -4.34 -15.97
CA ARG A 19 16.23 -3.65 -16.72
C ARG A 19 15.67 -2.46 -15.95
N GLY A 20 15.85 -2.43 -14.63
CA GLY A 20 15.37 -1.33 -13.81
C GLY A 20 15.42 -1.63 -12.32
N VAL A 21 15.01 -0.63 -11.56
CA VAL A 21 14.84 -0.70 -10.11
C VAL A 21 13.35 -0.72 -9.82
N ILE A 22 12.92 -1.65 -8.94
CA ILE A 22 11.55 -1.72 -8.47
C ILE A 22 11.55 -1.47 -6.98
N VAL A 23 10.61 -0.62 -6.54
CA VAL A 23 10.40 -0.36 -5.12
C VAL A 23 9.03 -0.88 -4.74
N LEU A 24 8.98 -1.77 -3.75
CA LEU A 24 7.76 -2.39 -3.26
C LEU A 24 7.41 -1.86 -1.88
N ALA A 25 6.18 -1.33 -1.73
CA ALA A 25 5.76 -0.62 -0.51
C ALA A 25 4.40 -1.18 -0.09
N HIS A 26 4.29 -1.61 1.16
CA HIS A 26 3.15 -2.38 1.65
C HIS A 26 2.06 -1.52 2.27
N GLY A 27 0.92 -2.18 2.52
CA GLY A 27 -0.25 -1.54 3.10
C GLY A 27 -0.30 -1.58 4.64
N PHE A 28 -1.26 -0.90 5.22
CA PHE A 28 -1.47 -0.98 6.68
C PHE A 28 -1.69 -2.41 7.12
N GLY A 29 -1.10 -2.76 8.26
CA GLY A 29 -1.39 -4.02 8.91
C GLY A 29 -0.49 -5.17 8.48
N THR A 30 0.35 -4.96 7.43
CA THR A 30 1.30 -5.96 6.95
C THR A 30 2.68 -5.33 6.94
N ASP A 31 3.63 -5.98 6.30
CA ASP A 31 5.00 -5.49 6.22
C ASP A 31 5.56 -5.98 4.90
N GLN A 32 6.86 -5.82 4.68
CA GLN A 32 7.42 -6.21 3.38
C GLN A 32 7.23 -7.67 3.04
N SER A 33 6.96 -8.51 4.01
CA SER A 33 6.67 -9.92 3.77
C SER A 33 5.46 -10.14 2.88
N VAL A 34 4.60 -9.12 2.72
CA VAL A 34 3.42 -9.25 1.87
C VAL A 34 3.86 -9.53 0.43
N TRP A 35 5.11 -9.14 0.10
CA TRP A 35 5.62 -9.28 -1.26
C TRP A 35 6.35 -10.60 -1.51
N LYS A 36 6.26 -11.56 -0.60
CA LYS A 36 7.06 -12.75 -0.67
C LYS A 36 6.85 -13.51 -1.95
N HIS A 37 5.64 -13.51 -2.52
CA HIS A 37 5.37 -14.25 -3.74
C HIS A 37 5.77 -13.48 -5.00
N LEU A 38 5.90 -12.16 -4.91
CA LEU A 38 6.23 -11.37 -6.08
C LEU A 38 7.74 -11.34 -6.32
N VAL A 39 8.53 -11.16 -5.27
CA VAL A 39 9.96 -10.90 -5.42
C VAL A 39 10.67 -11.94 -6.31
N PRO A 40 10.43 -13.26 -6.16
CA PRO A 40 11.17 -14.22 -6.99
C PRO A 40 11.01 -14.01 -8.48
N HIS A 41 9.90 -13.39 -8.91
CA HIS A 41 9.63 -13.13 -10.32
C HIS A 41 10.39 -11.93 -10.85
N LEU A 42 11.02 -11.13 -9.96
CA LEU A 42 11.61 -9.86 -10.34
C LEU A 42 13.13 -9.88 -10.33
N VAL A 43 13.73 -10.82 -9.65
CA VAL A 43 15.16 -10.72 -9.38
C VAL A 43 16.00 -10.98 -10.63
N ALA A 44 15.48 -11.60 -11.68
CA ALA A 44 16.29 -11.85 -12.86
C ALA A 44 16.48 -10.55 -13.66
N ASP A 45 15.46 -9.69 -13.76
CA ASP A 45 15.49 -8.51 -14.58
C ASP A 45 15.68 -7.21 -13.78
N TYR A 46 15.50 -7.25 -12.43
CA TYR A 46 15.46 -6.01 -11.69
C TYR A 46 16.33 -6.07 -10.44
N ARG A 47 16.59 -4.88 -9.87
CA ARG A 47 16.99 -4.72 -8.47
C ARG A 47 15.72 -4.33 -7.70
N VAL A 48 15.42 -5.03 -6.60
CA VAL A 48 14.15 -4.89 -5.89
C VAL A 48 14.42 -4.33 -4.51
N VAL A 49 13.80 -3.20 -4.21
CA VAL A 49 13.87 -2.55 -2.91
C VAL A 49 12.62 -2.86 -2.12
N LEU A 50 12.81 -3.42 -0.95
CA LEU A 50 11.75 -3.70 -0.01
C LEU A 50 11.97 -2.92 1.26
N PHE A 51 10.89 -2.39 1.84
CA PHE A 51 11.04 -1.67 3.09
C PHE A 51 9.72 -1.73 3.87
N ASP A 52 9.84 -1.53 5.18
CA ASP A 52 8.68 -1.39 6.06
C ASP A 52 8.35 0.07 6.28
N THR A 53 7.07 0.41 6.15
CA THR A 53 6.58 1.72 6.42
C THR A 53 6.78 2.00 7.93
N MET A 54 7.15 3.25 8.26
CA MET A 54 7.27 3.60 9.68
C MET A 54 5.95 3.41 10.40
N GLY A 55 6.04 2.77 11.57
CA GLY A 55 4.87 2.35 12.33
C GLY A 55 4.42 0.93 12.13
N ALA A 56 4.90 0.30 11.07
CA ALA A 56 4.60 -1.09 10.85
C ALA A 56 5.19 -1.89 11.98
N GLY A 57 4.62 -3.08 12.22
CA GLY A 57 5.02 -3.98 13.30
C GLY A 57 6.52 -4.13 13.49
N PRO A 58 7.26 -4.41 12.41
CA PRO A 58 8.71 -4.64 12.56
C PRO A 58 9.57 -3.40 12.81
N THR A 59 8.97 -2.21 12.82
CA THR A 59 9.71 -0.96 13.04
C THR A 59 9.74 -0.58 14.52
N ASN A 60 10.71 0.23 14.89
CA ASN A 60 10.89 0.68 16.26
C ASN A 60 9.88 1.76 16.56
N PRO A 61 8.94 1.55 17.53
CA PRO A 61 7.92 2.55 17.79
C PRO A 61 8.52 3.88 18.25
N ASP A 62 9.77 3.87 18.77
CA ASP A 62 10.37 5.12 19.21
C ASP A 62 10.63 6.08 18.06
N TYR A 63 10.64 5.56 16.82
CA TYR A 63 10.80 6.41 15.65
C TYR A 63 9.45 6.88 15.11
N PHE A 64 8.34 6.46 15.72
CA PHE A 64 7.05 6.89 15.24
C PHE A 64 6.72 8.25 15.83
N ASP A 65 6.82 9.30 15.01
CA ASP A 65 6.56 10.68 15.35
C ASP A 65 5.15 10.99 14.90
N PHE A 66 4.22 11.09 15.83
CA PHE A 66 2.83 11.30 15.52
C PHE A 66 2.61 12.58 14.69
N SER A 67 3.38 13.64 14.94
N SER A 67 3.38 13.64 14.94
CA SER A 67 3.21 14.87 14.20
CA SER A 67 3.20 14.88 14.20
C SER A 67 3.60 14.67 12.73
C SER A 67 3.60 14.69 12.73
N ARG A 68 4.67 13.90 12.50
CA ARG A 68 5.12 13.64 11.14
C ARG A 68 4.06 12.88 10.34
N TYR A 69 3.43 11.90 10.98
CA TYR A 69 2.56 10.96 10.29
C TYR A 69 1.09 11.31 10.48
N ALA A 70 0.80 12.55 10.90
CA ALA A 70 -0.59 12.97 11.10
C ALA A 70 -1.29 13.17 9.76
N THR A 71 -0.53 13.33 8.70
CA THR A 71 -1.03 13.26 7.35
C THR A 71 -0.17 12.24 6.60
N LEU A 72 -0.64 11.86 5.45
CA LEU A 72 0.05 10.88 4.60
C LEU A 72 1.31 11.50 4.03
N GLU A 73 1.44 12.82 4.04
CA GLU A 73 2.68 13.43 3.58
C GLU A 73 3.90 12.88 4.29
N GLY A 74 3.83 12.59 5.59
CA GLY A 74 4.99 12.12 6.29
C GLY A 74 5.57 10.85 5.67
N TYR A 75 4.67 9.94 5.26
CA TYR A 75 5.10 8.71 4.65
C TYR A 75 5.69 8.95 3.27
N ALA A 76 5.14 9.92 2.54
CA ALA A 76 5.70 10.30 1.24
C ALA A 76 7.09 10.90 1.41
N LEU A 77 7.29 11.70 2.43
CA LEU A 77 8.64 12.23 2.70
C LEU A 77 9.61 11.09 3.03
N ASP A 78 9.17 10.10 3.79
CA ASP A 78 10.03 8.98 4.08
C ASP A 78 10.43 8.26 2.79
N LEU A 79 9.45 8.02 1.89
CA LEU A 79 9.74 7.37 0.62
C LEU A 79 10.74 8.20 -0.17
N LEU A 80 10.54 9.51 -0.25
CA LEU A 80 11.52 10.33 -1.00
C LEU A 80 12.92 10.25 -0.38
N ALA A 81 13.01 10.18 0.94
CA ALA A 81 14.32 10.05 1.61
C ALA A 81 14.97 8.70 1.26
N ILE A 82 14.17 7.65 1.17
CA ILE A 82 14.71 6.33 0.76
C ILE A 82 15.27 6.43 -0.67
N LEU A 83 14.50 7.03 -1.57
CA LEU A 83 14.94 7.08 -2.99
C LEU A 83 16.18 7.96 -3.10
N GLN A 84 16.21 9.05 -2.35
CA GLN A 84 17.39 9.94 -2.37
C GLN A 84 18.62 9.17 -1.85
N GLU A 85 18.46 8.45 -0.76
CA GLU A 85 19.62 7.74 -0.15
C GLU A 85 20.12 6.64 -1.11
N LEU A 86 19.21 5.95 -1.79
CA LEU A 86 19.57 4.86 -2.73
C LEU A 86 20.20 5.41 -4.01
N ARG A 87 20.11 6.72 -4.22
CA ARG A 87 20.67 7.35 -5.44
C ARG A 87 19.94 6.77 -6.67
N VAL A 88 18.64 6.52 -6.49
CA VAL A 88 17.78 6.05 -7.62
C VAL A 88 17.58 7.22 -8.61
N ALA A 89 17.82 7.00 -9.90
CA ALA A 89 17.45 8.03 -10.90
C ALA A 89 15.97 7.86 -11.22
N SER A 90 15.52 6.61 -11.26
CA SER A 90 14.13 6.27 -11.66
C SER A 90 13.83 4.91 -11.09
N CYS A 91 12.59 4.70 -10.67
CA CYS A 91 12.12 3.37 -10.31
C CYS A 91 10.73 3.12 -10.85
N ILE A 92 10.39 1.83 -10.90
CA ILE A 92 9.03 1.34 -11.00
C ILE A 92 8.55 1.14 -9.56
N TYR A 93 7.48 1.83 -9.17
CA TYR A 93 7.02 1.77 -7.77
C TYR A 93 5.73 0.99 -7.71
N VAL A 94 5.65 -0.03 -6.84
CA VAL A 94 4.44 -0.80 -6.63
C VAL A 94 4.02 -0.51 -5.20
N GLY A 95 2.87 0.15 -5.04
CA GLY A 95 2.36 0.51 -3.75
C GLY A 95 1.05 -0.19 -3.47
N HIS A 96 1.04 -0.96 -2.39
CA HIS A 96 -0.17 -1.63 -1.91
C HIS A 96 -0.94 -0.77 -0.91
N SER A 97 -2.24 -0.67 -1.14
CA SER A 97 -3.17 -0.03 -0.26
C SER A 97 -2.65 1.41 0.02
N VAL A 98 -2.49 1.83 1.30
CA VAL A 98 -2.07 3.21 1.54
C VAL A 98 -0.78 3.53 0.82
N SER A 99 0.14 2.56 0.61
CA SER A 99 1.36 2.87 -0.09
C SER A 99 1.11 3.28 -1.54
N ALA A 100 0.01 2.91 -2.18
CA ALA A 100 -0.35 3.40 -3.51
C ALA A 100 -0.45 4.91 -3.49
N VAL A 101 -1.21 5.45 -2.56
CA VAL A 101 -1.37 6.89 -2.43
C VAL A 101 -0.10 7.56 -1.97
N ILE A 102 0.69 6.91 -1.09
CA ILE A 102 1.92 7.48 -0.63
C ILE A 102 2.86 7.67 -1.81
N GLY A 103 2.96 6.70 -2.72
CA GLY A 103 3.78 6.81 -3.90
C GLY A 103 3.25 7.89 -4.83
N ALA A 104 1.95 7.96 -5.04
CA ALA A 104 1.36 8.99 -5.88
C ALA A 104 1.72 10.36 -5.35
N ILE A 105 1.58 10.58 -4.04
CA ILE A 105 1.94 11.86 -3.43
C ILE A 105 3.42 12.18 -3.67
N ALA A 106 4.30 11.23 -3.40
CA ALA A 106 5.73 11.43 -3.63
C ALA A 106 6.03 11.78 -5.07
N SER A 107 5.29 11.19 -6.00
CA SER A 107 5.51 11.40 -7.43
C SER A 107 5.09 12.80 -7.87
N ILE A 108 4.25 13.49 -7.09
CA ILE A 108 3.89 14.86 -7.41
C ILE A 108 5.10 15.78 -7.19
N SER A 109 5.83 15.56 -6.10
CA SER A 109 7.04 16.30 -5.73
C SER A 109 8.17 16.00 -6.71
N ARG A 110 8.34 14.71 -7.07
CA ARG A 110 9.50 14.21 -7.78
C ARG A 110 9.02 13.24 -8.83
N PRO A 111 8.34 13.69 -9.88
CA PRO A 111 7.93 12.79 -10.95
C PRO A 111 9.11 12.14 -11.67
N ASP A 112 10.27 12.79 -11.61
CA ASP A 112 11.45 12.26 -12.24
C ASP A 112 11.89 10.92 -11.66
N LEU A 113 11.51 10.63 -10.41
CA LEU A 113 11.99 9.44 -9.71
C LEU A 113 11.16 8.22 -10.08
N PHE A 114 10.07 8.39 -10.81
CA PHE A 114 9.12 7.29 -11.04
C PHE A 114 8.82 7.13 -12.51
N SER A 115 9.18 5.98 -13.10
CA SER A 115 8.77 5.71 -14.46
C SER A 115 7.35 5.23 -14.60
N LYS A 116 6.82 4.63 -13.50
CA LYS A 116 5.46 4.13 -13.46
C LYS A 116 5.13 3.89 -12.00
N LEU A 117 3.85 4.01 -11.69
CA LEU A 117 3.25 3.57 -10.41
C LEU A 117 2.30 2.43 -10.67
N VAL A 118 2.45 1.35 -9.93
CA VAL A 118 1.46 0.27 -9.90
C VAL A 118 0.71 0.44 -8.59
N LEU A 119 -0.59 0.76 -8.68
CA LEU A 119 -1.45 1.10 -7.55
C LEU A 119 -2.34 -0.09 -7.25
N LEU A 120 -1.97 -0.88 -6.25
CA LEU A 120 -2.65 -2.15 -5.93
C LEU A 120 -3.54 -1.95 -4.73
N SER A 121 -4.84 -2.21 -4.86
CA SER A 121 -5.78 -2.08 -3.75
C SER A 121 -5.85 -0.64 -3.24
N ALA A 122 -5.83 0.30 -4.19
CA ALA A 122 -5.72 1.71 -3.88
C ALA A 122 -7.07 2.42 -3.73
N SER A 123 -7.13 3.43 -2.84
CA SER A 123 -8.29 4.29 -2.75
C SER A 123 -7.86 5.69 -2.33
N PRO A 124 -8.40 6.74 -2.98
CA PRO A 124 -8.08 8.11 -2.61
C PRO A 124 -8.97 8.62 -1.50
N ARG A 125 -10.00 7.85 -1.12
CA ARG A 125 -10.97 8.27 -0.09
C ARG A 125 -11.86 7.07 0.20
N TYR A 126 -11.92 6.65 1.47
CA TYR A 126 -12.75 5.52 1.89
C TYR A 126 -14.17 5.97 2.20
N LEU A 127 -14.34 7.18 2.71
CA LEU A 127 -15.69 7.67 3.02
C LEU A 127 -16.46 7.96 1.75
N ASN A 128 -17.74 7.67 1.78
CA ASN A 128 -18.63 8.11 0.72
C ASN A 128 -18.71 9.65 0.73
N ASP A 129 -19.10 10.22 -0.39
CA ASP A 129 -19.35 11.66 -0.46
C ASP A 129 -20.41 11.83 -1.54
N VAL A 130 -20.70 13.09 -1.85
CA VAL A 130 -21.65 13.38 -2.91
C VAL A 130 -21.04 12.91 -4.23
N ASP A 131 -21.75 12.00 -4.91
CA ASP A 131 -21.34 11.45 -6.19
C ASP A 131 -20.01 10.67 -6.11
N TYR A 132 -19.70 10.14 -4.93
CA TYR A 132 -18.48 9.39 -4.74
C TYR A 132 -18.73 8.24 -3.76
N TYR A 133 -18.41 7.04 -4.22
CA TYR A 133 -18.59 5.83 -3.44
C TYR A 133 -17.24 5.25 -3.02
N GLY A 134 -16.94 5.33 -1.75
CA GLY A 134 -15.71 4.79 -1.21
C GLY A 134 -15.90 3.49 -0.44
N GLY A 135 -17.12 3.23 0.05
CA GLY A 135 -17.42 1.97 0.73
C GLY A 135 -17.67 2.09 2.21
N PHE A 136 -17.53 3.29 2.78
CA PHE A 136 -17.66 3.52 4.20
C PHE A 136 -18.41 4.78 4.49
N GLU A 137 -19.22 4.74 5.55
CA GLU A 137 -19.79 5.93 6.17
C GLU A 137 -19.00 6.22 7.45
N GLN A 138 -19.16 7.43 7.99
CA GLN A 138 -18.43 7.77 9.19
C GLN A 138 -18.80 6.84 10.34
N GLU A 139 -20.05 6.42 10.43
CA GLU A 139 -20.47 5.53 11.49
C GLU A 139 -19.74 4.21 11.42
N ASP A 140 -19.44 3.71 10.22
CA ASP A 140 -18.67 2.49 10.08
C ASP A 140 -17.26 2.68 10.65
N LEU A 141 -16.65 3.81 10.31
CA LEU A 141 -15.32 4.08 10.83
C LEU A 141 -15.39 4.19 12.36
N ASP A 142 -16.39 4.87 12.90
CA ASP A 142 -16.42 5.11 14.34
C ASP A 142 -16.53 3.77 15.04
N GLU A 143 -17.33 2.86 14.50
CA GLU A 143 -17.51 1.53 15.08
C GLU A 143 -16.21 0.74 15.02
N LEU A 144 -15.47 0.85 13.91
CA LEU A 144 -14.19 0.18 13.78
C LEU A 144 -13.18 0.73 14.77
N PHE A 145 -13.08 2.04 14.93
CA PHE A 145 -12.12 2.59 15.87
C PHE A 145 -12.48 2.25 17.30
N GLU A 146 -13.78 2.18 17.61
CA GLU A 146 -14.16 1.81 18.96
C GLU A 146 -13.76 0.36 19.22
N ALA A 147 -13.88 -0.54 18.25
CA ALA A 147 -13.50 -1.93 18.41
C ALA A 147 -11.98 -2.02 18.61
N MET A 148 -11.21 -1.26 17.81
CA MET A 148 -9.76 -1.26 17.92
C MET A 148 -9.33 -0.83 19.32
N GLY A 149 -9.97 0.19 19.85
CA GLY A 149 -9.59 0.72 21.14
C GLY A 149 -10.10 -0.11 22.31
N SER A 150 -11.14 -0.90 22.10
CA SER A 150 -11.76 -1.68 23.17
C SER A 150 -11.00 -2.99 23.44
N ASN A 151 -10.60 -3.70 22.39
CA ASN A 151 -9.71 -4.85 22.49
C ASN A 151 -9.08 -5.03 21.10
N TYR A 152 -7.88 -4.52 21.03
CA TYR A 152 -7.17 -4.52 19.76
C TYR A 152 -6.98 -5.93 19.25
N LYS A 153 -6.66 -6.90 20.14
CA LYS A 153 -6.39 -8.27 19.75
C LYS A 153 -7.65 -8.90 19.14
N ALA A 154 -8.79 -8.71 19.79
CA ALA A 154 -10.02 -9.22 19.24
C ALA A 154 -10.37 -8.56 17.91
N TRP A 155 -10.11 -7.26 17.80
CA TRP A 155 -10.35 -6.59 16.55
C TRP A 155 -9.49 -7.22 15.47
N CYS A 156 -8.19 -7.43 15.70
CA CYS A 156 -7.34 -8.01 14.70
C CYS A 156 -7.87 -9.35 14.25
N SER A 157 -8.30 -10.15 15.22
CA SER A 157 -8.77 -11.50 14.94
C SER A 157 -10.03 -11.51 14.06
N GLY A 158 -10.94 -10.54 14.28
CA GLY A 158 -12.15 -10.44 13.50
C GLY A 158 -11.98 -9.74 12.16
N PHE A 159 -11.04 -8.77 12.09
CA PHE A 159 -10.88 -7.95 10.90
C PHE A 159 -10.09 -8.69 9.83
N ALA A 160 -9.05 -9.40 10.22
CA ALA A 160 -8.18 -10.05 9.25
C ALA A 160 -8.94 -10.94 8.27
N PRO A 161 -9.86 -11.84 8.69
CA PRO A 161 -10.57 -12.65 7.71
C PRO A 161 -11.38 -11.81 6.75
N LEU A 162 -12.01 -10.74 7.22
CA LEU A 162 -12.83 -9.90 6.37
C LEU A 162 -11.96 -9.17 5.33
N CYS A 163 -10.83 -8.66 5.79
CA CYS A 163 -9.93 -7.90 4.92
C CYS A 163 -9.25 -8.80 3.89
N VAL A 164 -8.71 -9.93 4.32
CA VAL A 164 -8.03 -10.84 3.40
C VAL A 164 -9.05 -11.53 2.52
N GLY A 165 -10.25 -11.80 3.04
CA GLY A 165 -11.26 -12.53 2.29
C GLY A 165 -10.93 -14.01 2.18
N GLY A 166 -11.82 -14.71 1.47
CA GLY A 166 -11.71 -16.13 1.21
C GLY A 166 -11.80 -16.94 2.49
N ASP A 167 -11.18 -18.11 2.49
CA ASP A 167 -11.32 -19.07 3.56
C ASP A 167 -10.70 -18.52 4.84
N MET A 168 -11.47 -18.47 5.93
CA MET A 168 -10.94 -17.91 7.17
C MET A 168 -9.84 -18.75 7.81
N GLU A 169 -9.66 -20.02 7.42
CA GLU A 169 -8.58 -20.82 7.99
C GLU A 169 -7.30 -20.74 7.15
N SER A 170 -7.26 -19.88 6.14
CA SER A 170 -6.11 -19.88 5.25
C SER A 170 -4.88 -19.37 5.98
N VAL A 171 -3.70 -19.75 5.47
CA VAL A 171 -2.44 -19.28 5.98
C VAL A 171 -2.36 -17.77 5.82
N ALA A 172 -2.96 -17.19 4.77
CA ALA A 172 -2.88 -15.76 4.55
C ALA A 172 -3.65 -15.02 5.63
N VAL A 173 -4.85 -15.49 5.97
CA VAL A 173 -5.62 -14.86 7.02
C VAL A 173 -4.83 -14.90 8.30
N GLN A 174 -4.23 -16.03 8.62
CA GLN A 174 -3.49 -16.16 9.87
C GLN A 174 -2.30 -15.20 9.89
N GLU A 175 -1.56 -15.10 8.79
CA GLU A 175 -0.41 -14.23 8.68
C GLU A 175 -0.83 -12.77 8.92
N PHE A 176 -1.90 -12.35 8.28
CA PHE A 176 -2.33 -10.96 8.38
C PHE A 176 -2.82 -10.66 9.77
N SER A 177 -3.47 -11.63 10.42
N SER A 177 -3.51 -11.65 10.39
CA SER A 177 -3.96 -11.37 11.77
CA SER A 177 -3.96 -11.52 11.77
C SER A 177 -2.76 -11.13 12.68
C SER A 177 -2.78 -11.16 12.64
N ARG A 178 -1.70 -11.90 12.48
CA ARG A 178 -0.51 -11.72 13.28
C ARG A 178 0.20 -10.41 12.96
N THR A 179 0.38 -10.03 11.70
CA THR A 179 1.04 -8.77 11.41
C THR A 179 0.20 -7.60 11.89
N LEU A 180 -1.13 -7.69 11.81
CA LEU A 180 -1.93 -6.61 12.33
C LEU A 180 -1.62 -6.43 13.81
N PHE A 181 -1.58 -7.55 14.56
CA PHE A 181 -1.38 -7.47 16.01
C PHE A 181 0.05 -7.16 16.39
N ASN A 182 1.00 -7.18 15.45
CA ASN A 182 2.34 -6.72 15.73
C ASN A 182 2.43 -5.22 15.87
N ILE A 183 1.49 -4.45 15.33
CA ILE A 183 1.54 -3.01 15.47
C ILE A 183 1.22 -2.64 16.89
N ARG A 184 1.98 -1.71 17.46
CA ARG A 184 1.70 -1.27 18.82
C ARG A 184 0.30 -0.64 18.83
N PRO A 185 -0.58 -0.88 19.83
CA PRO A 185 -1.97 -0.54 19.61
C PRO A 185 -2.26 0.94 19.46
N ASP A 186 -1.47 1.79 20.07
CA ASP A 186 -1.61 3.23 19.93
C ASP A 186 -1.29 3.67 18.48
N ILE A 187 -0.19 3.16 17.93
CA ILE A 187 0.17 3.42 16.55
C ILE A 187 -0.93 2.91 15.62
N ALA A 188 -1.43 1.69 15.88
CA ALA A 188 -2.45 1.11 15.02
C ALA A 188 -3.70 1.98 14.95
N LEU A 189 -4.20 2.41 16.11
CA LEU A 189 -5.42 3.22 16.11
C LEU A 189 -5.14 4.54 15.41
N SER A 190 -4.05 5.23 15.79
CA SER A 190 -3.74 6.51 15.19
C SER A 190 -3.68 6.41 13.65
N VAL A 191 -2.90 5.45 13.17
CA VAL A 191 -2.68 5.28 11.74
C VAL A 191 -3.96 4.90 11.02
N ALA A 192 -4.72 3.96 11.60
CA ALA A 192 -5.97 3.58 10.95
C ALA A 192 -6.88 4.79 10.78
N GLN A 193 -6.95 5.65 11.82
N GLN A 193 -6.96 5.66 11.80
CA GLN A 193 -7.74 6.87 11.75
CA GLN A 193 -7.79 6.82 11.61
C GLN A 193 -7.23 7.81 10.64
C GLN A 193 -7.22 7.74 10.52
N THR A 194 -5.92 8.03 10.58
CA THR A 194 -5.32 8.87 9.55
C THR A 194 -5.65 8.36 8.15
N ILE A 195 -5.50 7.07 7.92
CA ILE A 195 -5.70 6.52 6.59
C ILE A 195 -7.18 6.48 6.26
N PHE A 196 -8.05 5.97 7.14
CA PHE A 196 -9.44 5.81 6.82
C PHE A 196 -10.14 7.14 6.65
N GLN A 197 -9.65 8.23 7.25
CA GLN A 197 -10.26 9.55 7.13
C GLN A 197 -9.59 10.39 6.05
N SER A 198 -8.65 9.81 5.32
CA SER A 198 -7.93 10.55 4.29
C SER A 198 -8.80 10.85 3.08
N ASP A 199 -8.43 11.93 2.36
CA ASP A 199 -9.09 12.28 1.10
C ASP A 199 -8.05 13.01 0.26
N VAL A 200 -7.50 12.30 -0.72
CA VAL A 200 -6.50 12.88 -1.60
C VAL A 200 -7.06 13.07 -3.00
N ARG A 201 -8.37 13.05 -3.16
CA ARG A 201 -8.96 13.15 -4.50
C ARG A 201 -8.50 14.40 -5.25
N SER A 202 -8.36 15.52 -4.54
CA SER A 202 -8.00 16.78 -5.21
C SER A 202 -6.54 16.84 -5.61
N LEU A 203 -5.71 15.90 -5.13
CA LEU A 203 -4.33 15.80 -5.57
C LEU A 203 -4.19 14.98 -6.85
N LEU A 204 -5.19 14.18 -7.21
CA LEU A 204 -4.98 13.24 -8.31
C LEU A 204 -4.62 13.96 -9.62
N PRO A 205 -5.18 15.14 -9.95
CA PRO A 205 -4.78 15.81 -11.18
C PRO A 205 -3.33 16.15 -11.26
N LEU A 206 -2.58 16.19 -10.18
CA LEU A 206 -1.17 16.49 -10.15
C LEU A 206 -0.30 15.30 -10.45
N VAL A 207 -0.85 14.08 -10.35
CA VAL A 207 -0.09 12.87 -10.64
C VAL A 207 -0.03 12.75 -12.16
N THR A 208 1.17 12.75 -12.70
CA THR A 208 1.39 12.72 -14.13
C THR A 208 2.15 11.50 -14.59
N VAL A 209 2.81 10.76 -13.70
CA VAL A 209 3.47 9.54 -14.14
C VAL A 209 2.42 8.49 -14.46
N PRO A 210 2.68 7.59 -15.42
CA PRO A 210 1.69 6.58 -15.76
C PRO A 210 1.38 5.66 -14.59
N CYS A 211 0.08 5.38 -14.44
CA CYS A 211 -0.42 4.59 -13.33
C CYS A 211 -1.17 3.37 -13.80
N HIS A 212 -0.85 2.22 -13.20
CA HIS A 212 -1.50 0.94 -13.47
C HIS A 212 -2.33 0.61 -12.23
N ILE A 213 -3.62 0.62 -12.37
CA ILE A 213 -4.56 0.50 -11.25
C ILE A 213 -5.05 -0.93 -11.20
N VAL A 214 -4.65 -1.69 -10.19
CA VAL A 214 -4.92 -3.11 -10.09
C VAL A 214 -5.64 -3.39 -8.79
N GLN A 215 -6.77 -4.11 -8.84
CA GLN A 215 -7.43 -4.49 -7.59
C GLN A 215 -8.24 -5.77 -7.78
N SER A 216 -8.60 -6.38 -6.69
CA SER A 216 -9.52 -7.49 -6.61
C SER A 216 -10.91 -7.00 -7.01
N THR A 217 -11.68 -7.93 -7.60
CA THR A 217 -13.07 -7.64 -7.93
C THR A 217 -13.91 -7.52 -6.66
N LYS A 218 -13.51 -8.18 -5.60
CA LYS A 218 -14.20 -8.08 -4.33
C LYS A 218 -13.15 -7.74 -3.28
N ASP A 219 -13.20 -6.52 -2.76
CA ASP A 219 -12.26 -6.00 -1.78
C ASP A 219 -13.02 -5.21 -0.71
N LEU A 220 -12.90 -5.62 0.57
CA LEU A 220 -13.55 -5.07 1.77
C LEU A 220 -13.48 -3.55 1.68
N ALA A 221 -12.29 -3.08 1.39
CA ALA A 221 -11.99 -1.67 1.55
C ALA A 221 -12.05 -0.87 0.26
N VAL A 222 -12.24 -1.49 -0.90
CA VAL A 222 -12.11 -0.81 -2.18
C VAL A 222 -13.17 -1.32 -3.15
N PRO A 223 -14.34 -0.65 -3.18
CA PRO A 223 -15.31 -0.92 -4.27
C PRO A 223 -14.66 -0.78 -5.62
N VAL A 224 -15.04 -1.61 -6.59
CA VAL A 224 -14.42 -1.56 -7.89
C VAL A 224 -14.55 -0.20 -8.54
N VAL A 225 -15.63 0.54 -8.28
CA VAL A 225 -15.78 1.84 -8.91
C VAL A 225 -14.62 2.78 -8.53
N VAL A 226 -13.96 2.55 -7.37
CA VAL A 226 -12.81 3.39 -7.03
C VAL A 226 -11.71 3.31 -8.09
N SER A 227 -11.51 2.15 -8.70
CA SER A 227 -10.54 2.03 -9.77
C SER A 227 -10.90 2.92 -10.95
N GLU A 228 -12.18 2.96 -11.30
CA GLU A 228 -12.65 3.81 -12.38
C GLU A 228 -12.51 5.28 -11.99
N TYR A 229 -12.81 5.60 -10.73
CA TYR A 229 -12.60 6.96 -10.27
C TYR A 229 -11.13 7.39 -10.46
N LEU A 230 -10.22 6.55 -9.99
CA LEU A 230 -8.80 6.84 -10.16
C LEU A 230 -8.43 7.04 -11.63
N HIS A 231 -8.89 6.13 -12.47
CA HIS A 231 -8.60 6.18 -13.88
C HIS A 231 -9.13 7.47 -14.50
N LYS A 232 -10.28 7.97 -14.05
CA LYS A 232 -10.86 9.17 -14.66
C LYS A 232 -10.26 10.44 -14.07
N HIS A 233 -9.51 10.42 -12.94
CA HIS A 233 -9.08 11.66 -12.29
C HIS A 233 -7.57 11.82 -12.18
N LEU A 234 -6.79 10.79 -12.40
CA LEU A 234 -5.35 10.93 -12.40
C LEU A 234 -4.93 11.83 -13.56
N GLY A 235 -3.90 12.62 -13.37
CA GLY A 235 -3.47 13.62 -14.34
C GLY A 235 -2.63 13.12 -15.49
N GLY A 236 -2.24 11.85 -15.49
CA GLY A 236 -1.49 11.25 -16.58
C GLY A 236 -2.19 10.02 -17.11
N ASP A 237 -1.43 9.25 -17.90
CA ASP A 237 -2.00 8.05 -18.48
C ASP A 237 -2.22 6.97 -17.40
N SER A 238 -3.22 6.17 -17.61
CA SER A 238 -3.54 5.08 -16.68
C SER A 238 -4.22 3.93 -17.40
N ILE A 239 -4.18 2.76 -16.76
CA ILE A 239 -4.91 1.58 -17.20
C ILE A 239 -5.44 0.91 -15.94
N VAL A 240 -6.58 0.23 -16.08
CA VAL A 240 -7.21 -0.49 -14.95
C VAL A 240 -7.29 -1.98 -15.25
N GLU A 241 -6.93 -2.80 -14.26
CA GLU A 241 -7.17 -4.26 -14.41
C GLU A 241 -7.81 -4.75 -13.10
N VAL A 242 -9.07 -5.14 -13.20
CA VAL A 242 -9.81 -5.71 -12.04
C VAL A 242 -9.63 -7.23 -12.16
N MET A 243 -9.02 -7.82 -11.16
CA MET A 243 -8.63 -9.22 -11.19
C MET A 243 -9.77 -10.07 -10.67
N PRO A 244 -9.83 -11.35 -11.12
CA PRO A 244 -10.80 -12.30 -10.58
C PRO A 244 -10.28 -12.93 -9.30
N SER A 245 -9.94 -12.07 -8.34
CA SER A 245 -9.53 -12.40 -6.98
C SER A 245 -10.43 -11.68 -6.00
N GLU A 246 -10.45 -12.22 -4.81
CA GLU A 246 -11.07 -11.55 -3.69
C GLU A 246 -10.02 -11.18 -2.67
N GLY A 247 -10.24 -10.03 -2.02
CA GLY A 247 -9.42 -9.66 -0.90
C GLY A 247 -8.52 -8.45 -1.14
N HIS A 248 -8.14 -7.82 -0.04
CA HIS A 248 -7.39 -6.57 -0.03
C HIS A 248 -5.89 -6.78 -0.16
N LEU A 249 -5.40 -7.99 0.12
CA LEU A 249 -3.98 -8.31 0.00
C LEU A 249 -3.83 -9.49 -0.92
N PRO A 250 -4.31 -9.38 -2.15
CA PRO A 250 -4.41 -10.56 -3.02
C PRO A 250 -3.07 -11.08 -3.49
N GLN A 251 -2.00 -10.29 -3.40
CA GLN A 251 -0.67 -10.76 -3.72
C GLN A 251 -0.18 -11.77 -2.66
N LEU A 252 -0.76 -11.69 -1.45
CA LEU A 252 -0.47 -12.67 -0.40
C LEU A 252 -1.43 -13.86 -0.46
N SER A 253 -2.73 -13.61 -0.62
CA SER A 253 -3.74 -14.65 -0.51
C SER A 253 -4.01 -15.46 -1.78
N SER A 254 -3.88 -14.87 -2.95
CA SER A 254 -4.09 -15.57 -4.21
C SER A 254 -2.98 -15.30 -5.21
N PRO A 255 -1.73 -15.56 -4.80
CA PRO A 255 -0.60 -15.23 -5.67
C PRO A 255 -0.64 -15.96 -7.02
N ASP A 256 -1.22 -17.18 -7.10
CA ASP A 256 -1.24 -17.88 -8.38
C ASP A 256 -1.96 -17.04 -9.46
N ILE A 257 -3.01 -16.32 -9.06
CA ILE A 257 -3.76 -15.43 -9.95
C ILE A 257 -3.08 -14.07 -10.04
N VAL A 258 -2.63 -13.53 -8.92
CA VAL A 258 -2.26 -12.14 -8.81
C VAL A 258 -0.83 -11.85 -9.27
N ILE A 259 0.10 -12.72 -8.94
CA ILE A 259 1.50 -12.40 -9.31
C ILE A 259 1.64 -12.24 -10.83
N PRO A 260 1.05 -13.11 -11.69
CA PRO A 260 1.15 -12.90 -13.13
C PRO A 260 0.64 -11.52 -13.55
N VAL A 261 -0.43 -11.04 -12.92
CA VAL A 261 -0.99 -9.71 -13.28
C VAL A 261 0.00 -8.61 -12.89
N LEU A 262 0.50 -8.64 -11.65
CA LEU A 262 1.48 -7.62 -11.19
C LEU A 262 2.73 -7.63 -12.09
N LEU A 263 3.22 -8.82 -12.41
CA LEU A 263 4.41 -8.93 -13.26
C LEU A 263 4.14 -8.25 -14.61
N ARG A 264 2.97 -8.50 -15.20
CA ARG A 264 2.60 -7.90 -16.51
C ARG A 264 2.59 -6.36 -16.40
N HIS A 265 2.00 -5.83 -15.34
CA HIS A 265 1.90 -4.35 -15.22
C HIS A 265 3.28 -3.76 -14.97
N ILE A 266 4.15 -4.51 -14.31
CA ILE A 266 5.54 -4.03 -14.12
C ILE A 266 6.26 -4.04 -15.48
N GLN A 267 6.08 -5.09 -16.27
CA GLN A 267 6.88 -5.25 -17.52
C GLN A 267 6.35 -4.45 -18.70
N HIS A 268 5.04 -4.28 -18.79
CA HIS A 268 4.46 -3.65 -19.99
C HIS A 268 4.05 -2.21 -19.70
N ASP A 269 4.50 -1.34 -20.57
CA ASP A 269 4.17 0.09 -20.41
C ASP A 269 2.92 0.45 -21.20
N ILE A 270 2.14 1.39 -20.69
CA ILE A 270 1.03 1.95 -21.47
C ILE A 270 1.68 2.73 -22.60
N ALA A 271 1.04 2.87 -23.75
CA ALA A 271 1.45 3.89 -24.72
C ALA A 271 1.19 5.31 -24.18
C1 MPD B . -5.35 1.13 5.86
C2 MPD B . -6.79 0.91 5.48
O2 MPD B . -6.14 1.14 4.20
CM MPD B . -7.63 2.09 5.89
C3 MPD B . -7.03 -0.39 6.24
C4 MPD B . -6.90 -1.59 5.29
O4 MPD B . -8.10 -1.79 4.53
C5 MPD B . -5.78 -1.52 4.33
#